data_4MDE
#
_entry.id   4MDE
#
_cell.length_a   54.440
_cell.length_b   73.120
_cell.length_c   119.040
_cell.angle_alpha   90.00
_cell.angle_beta   90.00
_cell.angle_gamma   90.00
#
_symmetry.space_group_name_H-M   'P 21 21 21'
#
loop_
_entity.id
_entity.type
_entity.pdbx_description
1 polymer Metallophosphoesterase
2 polymer "DNA (5'-D(P*CP*CP*TP*GP*T)-3')"
3 non-polymer "GUANOSINE-5'-DIPHOSPHATE"
4 non-polymer 'MAGNESIUM ION'
5 water water
#
loop_
_entity_poly.entity_id
_entity_poly.type
_entity_poly.pdbx_seq_one_letter_code
_entity_poly.pdbx_strand_id
1 'polypeptide(L)'
;SMKLTIPELSLVVLIGSSGSGKSTFAKKHFKPTEVISSNFCRGLVSDDENDQTVTGAAFDVLHYIVSKRLQLGKLTVVDA
TNVQESARKPLIEIAKDYHCFPVAVVFNLPEKVCQERNKNRTDRQVEEYVIRKHTQQMKKSIKGLQREGFRYVYILNSPE
EVEEVVFERQP
;
A,B
2 'polydeoxyribonucleotide' (DC)(DC)(DT)(DG)(DT) C,D
#
loop_
_chem_comp.id
_chem_comp.type
_chem_comp.name
_chem_comp.formula
DC DNA linking 2'-DEOXYCYTIDINE-5'-MONOPHOSPHATE 'C9 H14 N3 O7 P'
DG DNA linking 2'-DEOXYGUANOSINE-5'-MONOPHOSPHATE 'C10 H14 N5 O7 P'
DT DNA linking THYMIDINE-5'-MONOPHOSPHATE 'C10 H15 N2 O8 P'
GDP RNA linking GUANOSINE-5'-DIPHOSPHATE 'C10 H15 N5 O11 P2'
MG non-polymer 'MAGNESIUM ION' 'Mg 2'
#
# COMPACT_ATOMS: atom_id res chain seq x y z
N SER A 1 -10.28 13.50 1.64
CA SER A 1 -10.42 12.29 2.44
C SER A 1 -9.31 11.28 2.10
N MET A 2 -9.05 10.36 3.02
CA MET A 2 -8.11 9.27 2.79
C MET A 2 -8.88 7.97 2.81
N LYS A 3 -9.24 7.46 1.64
CA LYS A 3 -10.10 6.29 1.57
C LYS A 3 -9.33 4.97 1.67
N LEU A 4 -9.69 4.16 2.66
CA LEU A 4 -9.07 2.87 2.86
C LEU A 4 -10.07 1.76 2.58
N THR A 5 -9.88 1.06 1.46
CA THR A 5 -10.78 -0.01 1.04
C THR A 5 -10.42 -1.33 1.73
N ILE A 6 -11.40 -1.96 2.34
CA ILE A 6 -11.19 -3.26 2.97
C ILE A 6 -12.32 -4.23 2.63
N PRO A 7 -11.99 -5.51 2.43
CA PRO A 7 -12.99 -6.55 2.15
C PRO A 7 -13.79 -6.85 3.42
N GLU A 8 -14.98 -7.41 3.26
CA GLU A 8 -15.78 -7.83 4.42
C GLU A 8 -15.02 -8.80 5.31
N LEU A 9 -14.30 -9.73 4.70
CA LEU A 9 -13.50 -10.69 5.45
C LEU A 9 -12.09 -10.15 5.69
N SER A 10 -11.96 -9.14 6.53
CA SER A 10 -10.66 -8.55 6.81
C SER A 10 -10.22 -8.85 8.23
N LEU A 11 -8.92 -9.08 8.40
CA LEU A 11 -8.27 -8.94 9.70
C LEU A 11 -7.49 -7.64 9.62
N VAL A 12 -8.00 -6.59 10.26
CA VAL A 12 -7.35 -5.28 10.20
C VAL A 12 -6.37 -5.15 11.34
N VAL A 13 -5.09 -5.04 11.02
CA VAL A 13 -4.03 -4.98 12.02
C VAL A 13 -3.52 -3.55 12.17
N LEU A 14 -3.82 -2.94 13.32
CA LEU A 14 -3.31 -1.60 13.59
C LEU A 14 -1.86 -1.70 14.00
N ILE A 15 -1.02 -0.86 13.40
CA ILE A 15 0.41 -0.91 13.71
C ILE A 15 0.87 0.46 14.16
N GLY A 16 1.29 0.57 15.41
CA GLY A 16 1.64 1.87 15.92
C GLY A 16 2.15 1.84 17.34
N SER A 17 2.97 2.84 17.66
CA SER A 17 3.52 3.01 18.99
C SER A 17 2.44 3.23 20.04
N SER A 18 2.78 2.99 21.30
CA SER A 18 1.95 3.49 22.36
C SER A 18 1.86 5.00 22.16
N GLY A 19 0.67 5.54 22.37
CA GLY A 19 0.46 6.97 22.18
C GLY A 19 0.15 7.43 20.77
N SER A 20 0.16 6.52 19.78
CA SER A 20 -0.16 6.89 18.39
C SER A 20 -1.66 7.06 18.11
N GLY A 21 -2.50 6.63 19.04
CA GLY A 21 -3.93 6.82 18.93
C GLY A 21 -4.71 5.63 18.39
N LYS A 22 -4.14 4.43 18.50
CA LYS A 22 -4.77 3.23 17.96
C LYS A 22 -6.16 2.98 18.52
N SER A 23 -6.30 3.01 19.84
CA SER A 23 -7.57 2.67 20.46
C SER A 23 -8.64 3.70 20.14
N THR A 24 -8.26 4.97 20.12
CA THR A 24 -9.20 6.05 19.78
C THR A 24 -9.67 5.87 18.35
N PHE A 25 -8.73 5.55 17.47
CA PHE A 25 -9.02 5.35 16.04
C PHE A 25 -9.94 4.16 15.88
N ALA A 26 -9.65 3.07 16.59
CA ALA A 26 -10.48 1.87 16.47
C ALA A 26 -11.92 2.16 16.87
N LYS A 27 -12.10 2.90 17.96
CA LYS A 27 -13.46 3.21 18.43
C LYS A 27 -14.19 4.08 17.42
N LYS A 28 -13.45 5.00 16.80
CA LYS A 28 -14.09 5.95 15.89
C LYS A 28 -14.64 5.25 14.65
N HIS A 29 -13.91 4.26 14.16
CA HIS A 29 -14.22 3.64 12.87
C HIS A 29 -14.93 2.29 12.92
N PHE A 30 -14.93 1.64 14.09
CA PHE A 30 -15.46 0.28 14.20
C PHE A 30 -16.34 0.09 15.42
N LYS A 31 -17.29 -0.85 15.32
CA LYS A 31 -18.13 -1.22 16.46
C LYS A 31 -17.32 -1.96 17.51
N PRO A 32 -17.71 -1.85 18.79
CA PRO A 32 -16.91 -2.41 19.88
C PRO A 32 -16.59 -3.90 19.73
N THR A 33 -17.56 -4.71 19.29
CA THR A 33 -17.29 -6.15 19.17
C THR A 33 -16.36 -6.46 18.01
N GLU A 34 -16.17 -5.52 17.10
CA GLU A 34 -15.26 -5.73 15.97
C GLU A 34 -13.82 -5.55 16.38
N VAL A 35 -13.62 -4.91 17.53
CA VAL A 35 -12.27 -4.56 17.97
C VAL A 35 -11.83 -5.47 19.09
N ILE A 36 -10.70 -6.14 18.93
CA ILE A 36 -10.14 -6.94 20.02
C ILE A 36 -8.81 -6.34 20.42
N SER A 37 -8.73 -5.91 21.67
CA SER A 37 -7.60 -5.15 22.19
C SER A 37 -6.72 -6.02 23.09
N SER A 38 -5.41 -5.93 22.91
CA SER A 38 -4.48 -6.69 23.75
C SER A 38 -4.60 -6.26 25.22
N ASN A 39 -4.74 -4.96 25.44
CA ASN A 39 -4.89 -4.46 26.81
C ASN A 39 -6.16 -4.98 27.45
N PHE A 40 -7.26 -5.00 26.69
CA PHE A 40 -8.50 -5.55 27.20
C PHE A 40 -8.29 -7.01 27.60
N CYS A 41 -7.51 -7.74 26.81
CA CYS A 41 -7.21 -9.13 27.11
C CYS A 41 -6.32 -9.28 28.35
N ARG A 42 -5.40 -8.34 28.56
CA ARG A 42 -4.64 -8.34 29.83
C ARG A 42 -5.63 -8.22 30.99
N GLY A 43 -6.64 -7.39 30.79
CA GLY A 43 -7.68 -7.23 31.78
C GLY A 43 -8.48 -8.50 32.01
N LEU A 44 -8.81 -9.19 30.92
CA LEU A 44 -9.61 -10.41 31.03
C LEU A 44 -8.92 -11.48 31.88
N VAL A 45 -7.60 -11.58 31.75
CA VAL A 45 -6.89 -12.65 32.43
C VAL A 45 -6.37 -12.27 33.82
N SER A 46 -6.22 -10.97 34.10
CA SER A 46 -5.50 -10.54 35.30
C SER A 46 -6.16 -9.44 36.14
N ASP A 47 -7.27 -8.88 35.65
CA ASP A 47 -7.95 -7.70 36.22
C ASP A 47 -7.25 -6.38 35.93
N ASP A 48 -6.07 -6.45 35.33
CA ASP A 48 -5.24 -5.27 35.10
C ASP A 48 -4.86 -5.13 33.62
N GLU A 49 -5.46 -4.15 32.94
CA GLU A 49 -5.16 -3.95 31.51
C GLU A 49 -3.72 -3.54 31.24
N ASN A 50 -3.01 -3.11 32.28
CA ASN A 50 -1.65 -2.61 32.09
C ASN A 50 -0.58 -3.49 32.74
N ASP A 51 -0.96 -4.70 33.09
CA ASP A 51 -0.04 -5.64 33.70
C ASP A 51 0.76 -6.34 32.61
N GLN A 52 2.03 -5.96 32.45
CA GLN A 52 2.83 -6.48 31.34
C GLN A 52 3.30 -7.92 31.58
N THR A 53 3.26 -8.37 32.83
CA THR A 53 3.71 -9.72 33.14
C THR A 53 2.74 -10.81 32.64
N VAL A 54 1.53 -10.42 32.26
CA VAL A 54 0.57 -11.41 31.76
C VAL A 54 0.39 -11.33 30.24
N THR A 55 1.33 -10.67 29.58
CA THR A 55 1.31 -10.49 28.13
C THR A 55 1.15 -11.79 27.35
N GLY A 56 1.86 -12.84 27.79
CA GLY A 56 1.75 -14.13 27.14
C GLY A 56 0.34 -14.68 27.13
N ALA A 57 -0.33 -14.60 28.28
CA ALA A 57 -1.69 -15.11 28.39
C ALA A 57 -2.65 -14.24 27.59
N ALA A 58 -2.41 -12.93 27.63
CA ALA A 58 -3.29 -11.96 26.97
C ALA A 58 -3.31 -12.21 25.46
N PHE A 59 -2.14 -12.43 24.88
CA PHE A 59 -2.09 -12.68 23.44
C PHE A 59 -2.61 -14.05 23.05
N ASP A 60 -2.44 -15.03 23.93
CA ASP A 60 -3.07 -16.33 23.72
C ASP A 60 -4.58 -16.16 23.59
N VAL A 61 -5.16 -15.39 24.50
CA VAL A 61 -6.60 -15.13 24.48
C VAL A 61 -6.97 -14.35 23.21
N LEU A 62 -6.22 -13.30 22.91
CA LEU A 62 -6.52 -12.50 21.70
C LEU A 62 -6.51 -13.36 20.45
N HIS A 63 -5.49 -14.21 20.30
CA HIS A 63 -5.39 -15.03 19.09
C HIS A 63 -6.52 -16.04 19.04
N TYR A 64 -6.92 -16.52 20.22
CA TYR A 64 -8.01 -17.47 20.28
C TYR A 64 -9.31 -16.83 19.82
N ILE A 65 -9.56 -15.60 20.27
CA ILE A 65 -10.78 -14.86 19.88
C ILE A 65 -10.73 -14.52 18.40
N VAL A 66 -9.58 -14.07 17.92
CA VAL A 66 -9.42 -13.80 16.50
C VAL A 66 -9.75 -15.03 15.66
N SER A 67 -9.24 -16.19 16.08
CA SER A 67 -9.51 -17.45 15.38
CA SER A 67 -9.50 -17.43 15.36
C SER A 67 -11.00 -17.76 15.31
N LYS A 68 -11.70 -17.58 16.43
CA LYS A 68 -13.14 -17.85 16.42
C LYS A 68 -13.91 -16.91 15.50
N ARG A 69 -13.54 -15.63 15.51
CA ARG A 69 -14.23 -14.64 14.69
C ARG A 69 -14.02 -14.90 13.21
N LEU A 70 -12.76 -15.10 12.83
CA LEU A 70 -12.45 -15.31 11.42
C LEU A 70 -13.08 -16.60 10.90
N GLN A 71 -13.14 -17.61 11.76
CA GLN A 71 -13.83 -18.85 11.44
C GLN A 71 -15.29 -18.58 11.10
N LEU A 72 -15.91 -17.66 11.84
CA LEU A 72 -17.30 -17.28 11.61
C LEU A 72 -17.45 -16.20 10.54
N GLY A 73 -16.34 -15.84 9.89
CA GLY A 73 -16.37 -14.85 8.82
C GLY A 73 -16.66 -13.44 9.27
N LYS A 74 -16.19 -13.09 10.47
CA LYS A 74 -16.45 -11.78 11.07
C LYS A 74 -15.23 -10.88 10.95
N LEU A 75 -15.43 -9.69 10.36
CA LEU A 75 -14.37 -8.69 10.28
C LEU A 75 -13.86 -8.37 11.69
N THR A 76 -12.54 -8.31 11.83
CA THR A 76 -11.91 -8.16 13.13
C THR A 76 -10.75 -7.17 13.06
N VAL A 77 -10.66 -6.30 14.07
CA VAL A 77 -9.61 -5.29 14.12
C VAL A 77 -8.76 -5.58 15.34
N VAL A 78 -7.45 -5.72 15.14
CA VAL A 78 -6.53 -6.03 16.24
C VAL A 78 -5.91 -4.73 16.76
N ASP A 79 -6.32 -4.35 17.96
CA ASP A 79 -5.83 -3.14 18.57
C ASP A 79 -4.70 -3.51 19.53
N ALA A 80 -3.49 -3.53 18.97
CA ALA A 80 -2.28 -3.78 19.74
C ALA A 80 -1.20 -3.03 18.98
N THR A 81 0.02 -2.96 19.50
CA THR A 81 1.03 -2.17 18.77
C THR A 81 1.46 -2.82 17.46
N ASN A 82 1.63 -4.14 17.47
CA ASN A 82 1.97 -4.89 16.26
C ASN A 82 3.20 -4.38 15.56
N VAL A 83 4.15 -3.83 16.33
CA VAL A 83 5.35 -3.24 15.74
C VAL A 83 6.52 -4.23 15.65
N GLN A 84 6.37 -5.39 16.29
CA GLN A 84 7.35 -6.48 16.13
C GLN A 84 6.85 -7.48 15.10
N GLU A 85 7.74 -7.94 14.23
CA GLU A 85 7.34 -8.91 13.21
C GLU A 85 6.78 -10.18 13.84
N SER A 86 7.34 -10.57 14.98
CA SER A 86 6.88 -11.76 15.69
C SER A 86 5.45 -11.64 16.17
N ALA A 87 4.98 -10.41 16.37
CA ALA A 87 3.59 -10.18 16.77
C ALA A 87 2.65 -10.30 15.58
N ARG A 88 3.10 -9.84 14.42
CA ARG A 88 2.25 -9.85 13.24
C ARG A 88 2.14 -11.26 12.65
N LYS A 89 3.20 -12.04 12.79
CA LYS A 89 3.26 -13.37 12.18
C LYS A 89 2.08 -14.30 12.51
N PRO A 90 1.75 -14.48 13.80
CA PRO A 90 0.60 -15.37 14.06
C PRO A 90 -0.71 -14.80 13.51
N LEU A 91 -0.82 -13.48 13.43
CA LEU A 91 -2.06 -12.89 12.94
C LEU A 91 -2.23 -13.20 11.47
N ILE A 92 -1.14 -13.10 10.71
CA ILE A 92 -1.16 -13.45 9.29
C ILE A 92 -1.52 -14.92 9.11
N GLU A 93 -0.91 -15.79 9.91
CA GLU A 93 -1.15 -17.22 9.80
C GLU A 93 -2.61 -17.58 10.09
N ILE A 94 -3.16 -16.99 11.13
CA ILE A 94 -4.55 -17.26 11.48
C ILE A 94 -5.48 -16.76 10.36
N ALA A 95 -5.19 -15.58 9.84
CA ALA A 95 -5.99 -15.03 8.75
C ALA A 95 -5.98 -15.97 7.54
N LYS A 96 -4.80 -16.50 7.20
CA LYS A 96 -4.72 -17.43 6.08
C LYS A 96 -5.44 -18.75 6.33
N ASP A 97 -5.45 -19.21 7.58
CA ASP A 97 -6.14 -20.44 7.94
C ASP A 97 -7.63 -20.38 7.62
N TYR A 98 -8.20 -19.18 7.70
CA TYR A 98 -9.63 -19.01 7.46
C TYR A 98 -9.93 -18.16 6.24
N HIS A 99 -8.94 -18.05 5.35
CA HIS A 99 -9.12 -17.41 4.05
C HIS A 99 -9.62 -15.98 4.20
N CYS A 100 -9.02 -15.29 5.16
CA CYS A 100 -9.34 -13.88 5.40
CA CYS A 100 -9.33 -13.89 5.45
C CYS A 100 -8.16 -13.03 4.99
N PHE A 101 -8.43 -11.76 4.68
CA PHE A 101 -7.39 -10.89 4.13
C PHE A 101 -6.79 -9.97 5.18
N PRO A 102 -5.48 -10.12 5.43
CA PRO A 102 -4.78 -9.23 6.37
C PRO A 102 -4.64 -7.83 5.79
N VAL A 103 -4.98 -6.84 6.60
CA VAL A 103 -4.89 -5.45 6.23
C VAL A 103 -4.03 -4.73 7.25
N ALA A 104 -3.01 -4.01 6.78
CA ALA A 104 -2.15 -3.25 7.69
C ALA A 104 -2.55 -1.79 7.67
N VAL A 105 -2.75 -1.21 8.86
CA VAL A 105 -2.99 0.23 8.97
C VAL A 105 -1.92 0.80 9.89
N VAL A 106 -0.99 1.56 9.31
CA VAL A 106 0.21 1.98 10.04
C VAL A 106 0.13 3.45 10.47
N PHE A 107 0.34 3.67 11.77
CA PHE A 107 0.33 5.00 12.32
C PHE A 107 1.76 5.56 12.29
N ASN A 108 2.15 6.03 11.11
CA ASN A 108 3.52 6.49 10.92
C ASN A 108 3.66 7.95 11.35
N LEU A 109 3.48 8.18 12.64
CA LEU A 109 3.54 9.52 13.22
C LEU A 109 4.92 9.73 13.81
N PRO A 110 5.38 10.99 13.87
CA PRO A 110 6.66 11.31 14.51
C PRO A 110 6.68 10.90 15.99
N GLU A 111 7.85 10.53 16.49
CA GLU A 111 7.96 10.10 17.87
C GLU A 111 7.45 11.20 18.82
N LYS A 112 7.78 12.45 18.49
CA LYS A 112 7.39 13.60 19.31
C LYS A 112 5.89 13.69 19.54
N VAL A 113 5.11 13.37 18.51
CA VAL A 113 3.66 13.41 18.65
C VAL A 113 3.20 12.40 19.68
N CYS A 114 3.64 11.15 19.55
CA CYS A 114 3.24 10.10 20.47
C CYS A 114 3.69 10.42 21.91
N GLN A 115 4.90 10.98 22.03
CA GLN A 115 5.45 11.33 23.34
C GLN A 115 4.58 12.40 24.00
N GLU A 116 4.16 13.37 23.20
CA GLU A 116 3.33 14.46 23.72
C GLU A 116 1.97 13.93 24.16
N ARG A 117 1.36 13.07 23.34
CA ARG A 117 0.08 12.49 23.67
C ARG A 117 0.17 11.64 24.94
N ASN A 118 1.25 10.87 25.03
CA ASN A 118 1.51 10.05 26.21
C ASN A 118 1.64 10.91 27.46
N LYS A 119 2.33 12.04 27.34
CA LYS A 119 2.52 12.93 28.46
C LYS A 119 1.20 13.57 28.91
N ASN A 120 0.23 13.66 28.00
CA ASN A 120 -1.05 14.27 28.31
C ASN A 120 -2.16 13.28 28.66
N ARG A 121 -1.84 12.00 28.68
CA ARG A 121 -2.81 10.97 29.04
C ARG A 121 -3.27 11.11 30.48
N THR A 122 -4.55 10.90 30.71
CA THR A 122 -5.10 10.90 32.07
C THR A 122 -5.26 9.47 32.56
N ASP A 123 -4.85 8.54 31.70
CA ASP A 123 -4.85 7.12 32.04
C ASP A 123 -3.40 6.66 32.10
N ARG A 124 -3.15 5.41 31.69
CA ARG A 124 -1.82 4.82 31.78
C ARG A 124 -0.79 5.49 30.88
N GLN A 125 0.27 6.03 31.48
CA GLN A 125 1.38 6.57 30.70
C GLN A 125 2.52 5.59 30.67
N VAL A 126 3.23 5.52 29.54
CA VAL A 126 4.43 4.70 29.48
C VAL A 126 5.66 5.58 29.60
N GLU A 127 6.80 4.95 29.87
CA GLU A 127 8.07 5.67 29.90
C GLU A 127 8.48 6.06 28.48
N GLU A 128 9.28 7.11 28.37
CA GLU A 128 9.69 7.60 27.07
C GLU A 128 10.42 6.55 26.23
N TYR A 129 11.19 5.66 26.87
CA TYR A 129 11.96 4.69 26.09
C TYR A 129 11.05 3.73 25.33
N VAL A 130 9.86 3.51 25.87
CA VAL A 130 8.92 2.57 25.28
C VAL A 130 8.46 3.12 23.92
N ILE A 131 8.08 4.39 23.91
CA ILE A 131 7.64 5.05 22.68
C ILE A 131 8.78 5.28 21.67
N ARG A 132 9.98 5.57 22.16
CA ARG A 132 11.11 5.69 21.26
C ARG A 132 11.35 4.34 20.56
N LYS A 133 11.30 3.27 21.34
CA LYS A 133 11.49 1.93 20.82
C LYS A 133 10.39 1.55 19.82
N HIS A 134 9.13 1.72 20.24
CA HIS A 134 8.01 1.38 19.38
C HIS A 134 8.07 2.12 18.05
N THR A 135 8.41 3.39 18.10
CA THR A 135 8.45 4.20 16.86
C THR A 135 9.51 3.69 15.88
N GLN A 136 10.69 3.34 16.41
CA GLN A 136 11.76 2.79 15.58
C GLN A 136 11.32 1.47 14.96
N GLN A 137 10.67 0.65 15.78
CA GLN A 137 10.19 -0.65 15.32
C GLN A 137 9.12 -0.51 14.23
N MET A 138 8.20 0.43 14.44
CA MET A 138 7.16 0.73 13.44
C MET A 138 7.79 1.17 12.13
N LYS A 139 8.74 2.10 12.19
CA LYS A 139 9.36 2.59 10.96
C LYS A 139 10.15 1.52 10.22
N LYS A 140 10.82 0.66 10.97
CA LYS A 140 11.57 -0.44 10.36
C LYS A 140 10.66 -1.51 9.76
N SER A 141 9.39 -1.52 10.17
CA SER A 141 8.44 -2.53 9.71
C SER A 141 7.78 -2.21 8.37
N ILE A 142 7.67 -0.93 8.05
CA ILE A 142 6.86 -0.49 6.91
C ILE A 142 7.17 -1.17 5.57
N LYS A 143 8.45 -1.19 5.21
CA LYS A 143 8.84 -1.69 3.89
C LYS A 143 8.44 -3.14 3.64
N GLY A 144 8.56 -3.98 4.67
CA GLY A 144 8.34 -5.40 4.48
C GLY A 144 6.93 -5.92 4.66
N LEU A 145 5.97 -5.04 4.96
CA LEU A 145 4.61 -5.50 5.30
C LEU A 145 3.91 -6.28 4.19
N GLN A 146 4.01 -5.81 2.94
CA GLN A 146 3.35 -6.52 1.84
C GLN A 146 3.91 -7.93 1.74
N ARG A 147 5.24 -8.04 1.86
CA ARG A 147 5.93 -9.32 1.75
C ARG A 147 5.56 -10.27 2.91
N GLU A 148 5.26 -9.70 4.07
CA GLU A 148 4.83 -10.51 5.22
C GLU A 148 3.50 -11.22 4.93
N GLY A 149 2.73 -10.66 4.00
CA GLY A 149 1.45 -11.23 3.66
C GLY A 149 0.28 -10.28 3.81
N PHE A 150 0.54 -9.03 4.15
CA PHE A 150 -0.54 -8.05 4.17
C PHE A 150 -1.00 -7.71 2.75
N ARG A 151 -2.26 -8.01 2.45
CA ARG A 151 -2.80 -7.85 1.11
C ARG A 151 -3.10 -6.39 0.80
N TYR A 152 -3.38 -5.62 1.84
CA TYR A 152 -3.61 -4.19 1.73
C TYR A 152 -2.71 -3.52 2.75
N VAL A 153 -1.87 -2.61 2.30
CA VAL A 153 -1.01 -1.87 3.24
C VAL A 153 -1.31 -0.38 3.17
N TYR A 154 -1.79 0.17 4.28
CA TYR A 154 -2.15 1.58 4.36
C TYR A 154 -1.29 2.32 5.37
N ILE A 155 -0.54 3.32 4.90
CA ILE A 155 0.31 4.08 5.81
C ILE A 155 -0.28 5.47 6.04
N LEU A 156 -0.40 5.84 7.31
CA LEU A 156 -0.89 7.17 7.67
C LEU A 156 0.29 7.99 8.22
N ASN A 157 0.60 9.11 7.55
CA ASN A 157 1.86 9.80 7.79
C ASN A 157 1.79 11.08 8.61
N SER A 158 0.60 11.43 9.08
CA SER A 158 0.42 12.63 9.88
C SER A 158 -0.91 12.56 10.59
N PRO A 159 -1.10 13.38 11.63
CA PRO A 159 -2.41 13.43 12.29
C PRO A 159 -3.51 13.85 11.32
N GLU A 160 -3.14 14.69 10.35
CA GLU A 160 -4.10 15.13 9.34
C GLU A 160 -4.58 13.95 8.52
N GLU A 161 -3.66 13.11 8.07
CA GLU A 161 -4.02 11.91 7.32
C GLU A 161 -4.84 10.93 8.13
N VAL A 162 -4.48 10.73 9.39
CA VAL A 162 -5.27 9.88 10.27
C VAL A 162 -6.70 10.38 10.39
N GLU A 163 -6.84 11.68 10.57
CA GLU A 163 -8.15 12.30 10.73
C GLU A 163 -9.01 12.18 9.47
N GLU A 164 -8.36 12.11 8.31
CA GLU A 164 -9.09 12.07 7.04
C GLU A 164 -9.57 10.67 6.66
N VAL A 165 -9.19 9.67 7.45
CA VAL A 165 -9.50 8.28 7.09
C VAL A 165 -11.00 7.99 6.98
N VAL A 166 -11.37 7.32 5.89
CA VAL A 166 -12.69 6.75 5.75
C VAL A 166 -12.51 5.33 5.26
N PHE A 167 -13.06 4.38 6.00
CA PHE A 167 -12.99 2.99 5.56
C PHE A 167 -14.12 2.75 4.60
N GLU A 168 -13.81 2.09 3.48
CA GLU A 168 -14.83 1.74 2.50
C GLU A 168 -14.96 0.24 2.50
N ARG A 169 -16.05 -0.27 3.07
CA ARG A 169 -16.17 -1.70 3.26
C ARG A 169 -16.84 -2.34 2.06
N GLN A 170 -16.03 -2.85 1.13
CA GLN A 170 -16.56 -3.51 -0.06
C GLN A 170 -17.27 -4.81 0.32
N PRO A 171 -18.55 -4.93 -0.06
CA PRO A 171 -19.38 -6.09 0.31
C PRO A 171 -18.91 -7.37 -0.38
N SER B 1 2.49 -16.51 -3.13
CA SER B 1 3.19 -15.62 -4.05
C SER B 1 3.04 -14.16 -3.61
N MET B 2 2.89 -13.26 -4.59
CA MET B 2 2.67 -11.86 -4.31
C MET B 2 1.38 -11.44 -5.00
N LYS B 3 0.26 -11.58 -4.29
CA LYS B 3 -1.04 -11.29 -4.87
C LYS B 3 -1.40 -9.82 -4.74
N LEU B 4 -1.75 -9.21 -5.87
CA LEU B 4 -2.14 -7.82 -5.90
C LEU B 4 -3.60 -7.74 -6.34
N THR B 5 -4.48 -7.35 -5.42
CA THR B 5 -5.88 -7.20 -5.74
C THR B 5 -6.15 -5.89 -6.46
N ILE B 6 -6.89 -5.94 -7.56
CA ILE B 6 -7.32 -4.74 -8.25
C ILE B 6 -8.78 -4.88 -8.68
N PRO B 7 -9.56 -3.80 -8.58
CA PRO B 7 -10.95 -3.92 -9.04
C PRO B 7 -11.03 -4.00 -10.57
N GLU B 8 -12.15 -4.51 -11.07
CA GLU B 8 -12.37 -4.66 -12.50
C GLU B 8 -12.19 -3.33 -13.24
N LEU B 9 -12.66 -2.25 -12.62
CA LEU B 9 -12.49 -0.94 -13.23
C LEU B 9 -11.39 -0.17 -12.51
N SER B 10 -10.16 -0.40 -12.95
CA SER B 10 -8.98 0.19 -12.35
C SER B 10 -8.22 0.99 -13.39
N LEU B 11 -7.53 2.03 -12.94
CA LEU B 11 -6.46 2.65 -13.73
C LEU B 11 -5.15 2.26 -13.05
N VAL B 12 -4.43 1.32 -13.65
CA VAL B 12 -3.18 0.84 -13.08
C VAL B 12 -2.02 1.66 -13.59
N VAL B 13 -1.32 2.31 -12.68
CA VAL B 13 -0.25 3.21 -13.05
C VAL B 13 1.10 2.58 -12.67
N LEU B 14 1.85 2.15 -13.68
CA LEU B 14 3.16 1.55 -13.44
C LEU B 14 4.13 2.68 -13.15
N ILE B 15 4.92 2.51 -12.09
CA ILE B 15 5.88 3.54 -11.69
C ILE B 15 7.28 2.94 -11.60
N GLY B 16 8.18 3.42 -12.46
CA GLY B 16 9.52 2.88 -12.45
C GLY B 16 10.43 3.52 -13.48
N SER B 17 11.72 3.45 -13.20
CA SER B 17 12.76 3.95 -14.07
C SER B 17 12.74 3.24 -15.41
N SER B 18 13.31 3.87 -16.43
CA SER B 18 13.61 3.15 -17.66
C SER B 18 14.48 1.96 -17.26
N GLY B 19 14.23 0.80 -17.87
CA GLY B 19 14.99 -0.39 -17.58
C GLY B 19 14.46 -1.18 -16.38
N SER B 20 13.41 -0.69 -15.73
CA SER B 20 12.88 -1.39 -14.56
C SER B 20 11.98 -2.56 -14.92
N GLY B 21 11.64 -2.68 -16.22
CA GLY B 21 10.87 -3.80 -16.72
C GLY B 21 9.37 -3.55 -16.83
N LYS B 22 8.97 -2.29 -16.91
CA LYS B 22 7.55 -1.92 -16.94
C LYS B 22 6.80 -2.54 -18.11
N SER B 23 7.34 -2.39 -19.31
CA SER B 23 6.66 -2.89 -20.49
C SER B 23 6.56 -4.41 -20.52
N THR B 24 7.62 -5.09 -20.09
CA THR B 24 7.61 -6.54 -19.98
C THR B 24 6.52 -6.98 -19.00
N PHE B 25 6.45 -6.28 -17.87
CA PHE B 25 5.46 -6.56 -16.83
C PHE B 25 4.05 -6.39 -17.39
N ALA B 26 3.82 -5.26 -18.06
CA ALA B 26 2.51 -5.00 -18.63
C ALA B 26 2.08 -6.07 -19.63
N LYS B 27 3.02 -6.55 -20.44
CA LYS B 27 2.71 -7.57 -21.43
C LYS B 27 2.35 -8.91 -20.79
N LYS B 28 3.04 -9.24 -19.69
CA LYS B 28 2.81 -10.50 -19.00
C LYS B 28 1.43 -10.55 -18.33
N HIS B 29 1.02 -9.44 -17.75
CA HIS B 29 -0.16 -9.43 -16.86
C HIS B 29 -1.49 -8.92 -17.45
N PHE B 30 -1.43 -8.25 -18.59
CA PHE B 30 -2.63 -7.59 -19.13
C PHE B 30 -2.80 -7.83 -20.63
N LYS B 31 -4.02 -7.60 -21.12
CA LYS B 31 -4.31 -7.67 -22.55
C LYS B 31 -3.56 -6.56 -23.24
N PRO B 32 -3.08 -6.80 -24.46
CA PRO B 32 -2.42 -5.76 -25.25
C PRO B 32 -3.21 -4.45 -25.30
N THR B 33 -4.51 -4.53 -25.52
CA THR B 33 -5.34 -3.31 -25.61
C THR B 33 -5.58 -2.62 -24.27
N GLU B 34 -5.34 -3.33 -23.17
CA GLU B 34 -5.46 -2.71 -21.85
C GLU B 34 -4.27 -1.81 -21.54
N VAL B 35 -3.16 -2.05 -22.23
CA VAL B 35 -1.93 -1.32 -21.94
C VAL B 35 -1.75 -0.17 -22.91
N ILE B 36 -1.64 1.05 -22.38
CA ILE B 36 -1.37 2.21 -23.23
C ILE B 36 0.02 2.75 -22.85
N SER B 37 0.91 2.69 -23.83
CA SER B 37 2.32 3.00 -23.64
C SER B 37 2.65 4.40 -24.15
N SER B 38 3.39 5.17 -23.35
CA SER B 38 3.79 6.51 -23.74
C SER B 38 4.74 6.49 -24.93
N ASN B 39 5.63 5.50 -24.97
CA ASN B 39 6.54 5.37 -26.12
C ASN B 39 5.76 5.01 -27.37
N PHE B 40 4.76 4.14 -27.23
CA PHE B 40 3.90 3.83 -28.37
C PHE B 40 3.21 5.09 -28.88
N CYS B 41 2.79 5.95 -27.96
CA CYS B 41 2.12 7.20 -28.34
C CYS B 41 3.09 8.19 -28.99
N ARG B 42 4.36 8.16 -28.60
CA ARG B 42 5.36 8.95 -29.32
C ARG B 42 5.44 8.48 -30.77
N GLY B 43 5.37 7.17 -30.96
CA GLY B 43 5.32 6.60 -32.29
C GLY B 43 4.07 7.01 -33.07
N LEU B 44 2.92 7.00 -32.40
CA LEU B 44 1.67 7.38 -33.04
C LEU B 44 1.71 8.80 -33.59
N VAL B 45 2.35 9.72 -32.86
CA VAL B 45 2.31 11.11 -33.28
C VAL B 45 3.47 11.53 -34.19
N SER B 46 4.58 10.81 -34.12
CA SER B 46 5.82 11.26 -34.76
C SER B 46 6.56 10.24 -35.62
N ASP B 47 6.09 8.99 -35.63
CA ASP B 47 6.77 7.83 -36.25
C ASP B 47 7.93 7.28 -35.42
N ASP B 48 8.32 7.98 -34.36
CA ASP B 48 9.54 7.63 -33.62
C ASP B 48 9.23 7.50 -32.14
N GLU B 49 9.28 6.27 -31.63
CA GLU B 49 8.97 6.02 -30.22
C GLU B 49 10.00 6.62 -29.28
N ASN B 50 11.16 6.96 -29.82
CA ASN B 50 12.25 7.47 -28.99
C ASN B 50 12.46 8.97 -29.08
N ASP B 51 11.54 9.66 -29.74
CA ASP B 51 11.68 11.09 -29.95
C ASP B 51 11.14 11.83 -28.74
N GLN B 52 12.03 12.36 -27.92
CA GLN B 52 11.61 13.03 -26.69
C GLN B 52 11.01 14.41 -26.95
N THR B 53 11.22 14.96 -28.14
CA THR B 53 10.69 16.29 -28.41
C THR B 53 9.19 16.30 -28.65
N VAL B 54 8.59 15.11 -28.85
CA VAL B 54 7.14 15.04 -29.09
C VAL B 54 6.39 14.53 -27.86
N THR B 55 7.10 14.53 -26.73
CA THR B 55 6.52 14.09 -25.46
C THR B 55 5.17 14.74 -25.09
N GLY B 56 5.06 16.05 -25.31
CA GLY B 56 3.81 16.74 -25.00
C GLY B 56 2.65 16.15 -25.78
N ALA B 57 2.82 16.02 -27.08
CA ALA B 57 1.78 15.45 -27.93
C ALA B 57 1.49 13.99 -27.58
N ALA B 58 2.54 13.22 -27.28
CA ALA B 58 2.36 11.81 -26.93
C ALA B 58 1.48 11.63 -25.70
N PHE B 59 1.76 12.42 -24.67
CA PHE B 59 0.97 12.30 -23.44
C PHE B 59 -0.43 12.88 -23.60
N ASP B 60 -0.59 13.90 -24.44
CA ASP B 60 -1.93 14.35 -24.77
C ASP B 60 -2.72 13.20 -25.35
N VAL B 61 -2.13 12.47 -26.29
CA VAL B 61 -2.82 11.34 -26.92
C VAL B 61 -3.08 10.22 -25.90
N LEU B 62 -2.09 9.94 -25.06
CA LEU B 62 -2.24 8.88 -24.05
C LEU B 62 -3.39 9.21 -23.10
N HIS B 63 -3.41 10.45 -22.60
CA HIS B 63 -4.48 10.88 -21.71
C HIS B 63 -5.85 10.80 -22.38
N TYR B 64 -5.88 11.11 -23.68
CA TYR B 64 -7.13 11.07 -24.42
C TYR B 64 -7.67 9.65 -24.51
N ILE B 65 -6.77 8.71 -24.76
CA ILE B 65 -7.14 7.31 -24.88
C ILE B 65 -7.58 6.76 -23.53
N VAL B 66 -6.82 7.08 -22.49
CA VAL B 66 -7.21 6.69 -21.13
C VAL B 66 -8.63 7.17 -20.82
N SER B 67 -8.93 8.44 -21.12
CA SER B 67 -10.25 8.99 -20.87
CA SER B 67 -10.24 8.98 -20.85
C SER B 67 -11.34 8.21 -21.60
N LYS B 68 -11.08 7.84 -22.85
CA LYS B 68 -12.08 7.10 -23.62
C LYS B 68 -12.31 5.71 -23.01
N ARG B 69 -11.23 5.05 -22.61
CA ARG B 69 -11.36 3.73 -22.01
C ARG B 69 -12.13 3.75 -20.70
N LEU B 70 -11.82 4.71 -19.83
CA LEU B 70 -12.52 4.78 -18.54
C LEU B 70 -14.00 5.17 -18.73
N GLN B 71 -14.26 6.04 -19.70
CA GLN B 71 -15.64 6.39 -20.08
C GLN B 71 -16.44 5.14 -20.39
N LEU B 72 -15.78 4.18 -21.02
CA LEU B 72 -16.41 2.94 -21.42
C LEU B 72 -16.24 1.84 -20.39
N GLY B 73 -15.71 2.18 -19.21
CA GLY B 73 -15.56 1.23 -18.12
C GLY B 73 -14.56 0.11 -18.36
N LYS B 74 -13.49 0.42 -19.08
CA LYS B 74 -12.48 -0.57 -19.45
C LYS B 74 -11.22 -0.36 -18.61
N LEU B 75 -10.76 -1.43 -17.94
CA LEU B 75 -9.52 -1.40 -17.17
C LEU B 75 -8.37 -0.94 -18.06
N THR B 76 -7.52 -0.07 -17.52
CA THR B 76 -6.45 0.56 -18.29
C THR B 76 -5.15 0.59 -17.48
N VAL B 77 -4.05 0.27 -18.15
CA VAL B 77 -2.73 0.27 -17.53
C VAL B 77 -1.85 1.29 -18.25
N VAL B 78 -1.27 2.21 -17.49
CA VAL B 78 -0.42 3.24 -18.10
C VAL B 78 1.02 2.77 -18.03
N ASP B 79 1.58 2.47 -19.20
CA ASP B 79 2.97 2.04 -19.29
C ASP B 79 3.84 3.24 -19.63
N ALA B 80 4.22 3.98 -18.58
CA ALA B 80 5.12 5.12 -18.67
C ALA B 80 5.93 5.09 -17.38
N THR B 81 6.93 5.96 -17.23
CA THR B 81 7.73 5.93 -16.01
C THR B 81 6.93 6.41 -14.78
N ASN B 82 6.14 7.46 -14.96
CA ASN B 82 5.30 7.99 -13.90
C ASN B 82 6.05 8.31 -12.61
N VAL B 83 7.32 8.70 -12.74
CA VAL B 83 8.14 8.97 -11.58
C VAL B 83 8.04 10.43 -11.13
N GLN B 84 7.42 11.28 -11.94
CA GLN B 84 7.19 12.66 -11.55
C GLN B 84 5.76 12.85 -11.04
N GLU B 85 5.59 13.58 -9.94
CA GLU B 85 4.23 13.85 -9.45
C GLU B 85 3.37 14.53 -10.52
N SER B 86 4.00 15.38 -11.33
CA SER B 86 3.28 16.09 -12.38
C SER B 86 2.76 15.15 -13.47
N ALA B 87 3.37 13.98 -13.61
CA ALA B 87 2.91 12.96 -14.55
C ALA B 87 1.72 12.19 -13.99
N ARG B 88 1.78 11.90 -12.69
CA ARG B 88 0.72 11.12 -12.06
C ARG B 88 -0.54 11.93 -11.84
N LYS B 89 -0.36 13.22 -11.57
CA LYS B 89 -1.50 14.09 -11.26
C LYS B 89 -2.68 14.02 -12.27
N PRO B 90 -2.41 14.23 -13.59
CA PRO B 90 -3.55 14.20 -14.52
C PRO B 90 -4.20 12.82 -14.65
N LEU B 91 -3.43 11.76 -14.41
CA LEU B 91 -3.99 10.42 -14.46
C LEU B 91 -4.96 10.19 -13.30
N ILE B 92 -4.58 10.66 -12.11
CA ILE B 92 -5.49 10.59 -10.95
C ILE B 92 -6.78 11.38 -11.22
N GLU B 93 -6.65 12.52 -11.88
CA GLU B 93 -7.83 13.34 -12.20
C GLU B 93 -8.78 12.68 -13.20
N ILE B 94 -8.23 12.00 -14.19
CA ILE B 94 -9.07 11.25 -15.14
C ILE B 94 -9.80 10.11 -14.45
N ALA B 95 -9.10 9.37 -13.60
CA ALA B 95 -9.72 8.29 -12.84
C ALA B 95 -10.86 8.83 -11.98
N LYS B 96 -10.62 9.99 -11.37
CA LYS B 96 -11.66 10.67 -10.57
C LYS B 96 -12.87 11.08 -11.39
N ASP B 97 -12.63 11.62 -12.59
CA ASP B 97 -13.71 12.05 -13.48
C ASP B 97 -14.67 10.92 -13.78
N TYR B 98 -14.15 9.70 -13.85
CA TYR B 98 -14.94 8.58 -14.29
C TYR B 98 -15.12 7.51 -13.21
N HIS B 99 -14.92 7.95 -11.96
CA HIS B 99 -15.10 7.09 -10.78
C HIS B 99 -14.36 5.77 -10.92
N CYS B 100 -13.10 5.86 -11.33
CA CYS B 100 -12.25 4.69 -11.48
CA CYS B 100 -12.24 4.71 -11.51
C CYS B 100 -11.21 4.66 -10.37
N PHE B 101 -10.84 3.45 -9.97
CA PHE B 101 -9.92 3.19 -8.88
C PHE B 101 -8.47 3.29 -9.36
N PRO B 102 -7.73 4.33 -8.93
CA PRO B 102 -6.31 4.39 -9.30
C PRO B 102 -5.44 3.48 -8.46
N VAL B 103 -4.59 2.72 -9.13
CA VAL B 103 -3.73 1.74 -8.50
C VAL B 103 -2.28 2.02 -8.87
N ALA B 104 -1.40 2.03 -7.86
CA ALA B 104 0.02 2.28 -8.09
C ALA B 104 0.78 0.97 -7.99
N VAL B 105 1.61 0.69 -9.00
CA VAL B 105 2.49 -0.47 -8.93
C VAL B 105 3.90 0.04 -9.12
N VAL B 106 4.70 0.02 -8.05
CA VAL B 106 6.03 0.62 -8.07
C VAL B 106 7.12 -0.42 -8.23
N PHE B 107 8.01 -0.16 -9.17
CA PHE B 107 9.17 -1.01 -9.41
C PHE B 107 10.34 -0.45 -8.63
N ASN B 108 10.38 -0.78 -7.34
CA ASN B 108 11.41 -0.25 -6.45
C ASN B 108 12.69 -1.08 -6.53
N LEU B 109 13.32 -1.06 -7.70
CA LEU B 109 14.51 -1.87 -7.97
C LEU B 109 15.76 -1.01 -7.80
N PRO B 110 16.89 -1.65 -7.43
CA PRO B 110 18.15 -0.91 -7.36
C PRO B 110 18.48 -0.29 -8.71
N GLU B 111 19.08 0.90 -8.71
CA GLU B 111 19.51 1.54 -9.95
C GLU B 111 20.38 0.61 -10.78
N LYS B 112 21.23 -0.16 -10.09
CA LYS B 112 22.19 -1.07 -10.74
C LYS B 112 21.52 -2.05 -11.71
N VAL B 113 20.40 -2.59 -11.28
CA VAL B 113 19.64 -3.56 -12.09
C VAL B 113 19.11 -2.88 -13.34
N CYS B 114 18.54 -1.70 -13.17
CA CYS B 114 18.02 -0.96 -14.32
C CYS B 114 19.15 -0.57 -15.27
N GLN B 115 20.30 -0.15 -14.72
CA GLN B 115 21.44 0.21 -15.57
C GLN B 115 21.94 -0.98 -16.37
N GLU B 116 21.97 -2.15 -15.75
CA GLU B 116 22.45 -3.35 -16.44
C GLU B 116 21.49 -3.77 -17.55
N ARG B 117 20.20 -3.78 -17.25
CA ARG B 117 19.21 -4.14 -18.27
C ARG B 117 19.27 -3.16 -19.43
N ASN B 118 19.43 -1.88 -19.11
CA ASN B 118 19.54 -0.86 -20.14
C ASN B 118 20.75 -1.10 -21.04
N LYS B 119 21.87 -1.45 -20.43
CA LYS B 119 23.11 -1.72 -21.16
CA LYS B 119 23.10 -1.70 -21.18
C LYS B 119 22.96 -2.91 -22.12
N ASN B 120 22.10 -3.84 -21.74
CA ASN B 120 21.92 -5.06 -22.53
C ASN B 120 20.72 -5.04 -23.49
N ARG B 121 20.01 -3.92 -23.53
CA ARG B 121 18.90 -3.78 -24.49
C ARG B 121 19.39 -3.75 -25.92
N THR B 122 18.61 -4.33 -26.82
CA THR B 122 18.92 -4.32 -28.24
C THR B 122 18.10 -3.28 -29.00
N ASP B 123 16.96 -2.89 -28.45
CA ASP B 123 16.02 -2.03 -29.16
C ASP B 123 16.32 -0.53 -29.07
N ARG B 124 16.48 -0.04 -27.85
CA ARG B 124 16.67 1.37 -27.58
C ARG B 124 17.33 1.49 -26.21
N GLN B 125 18.19 2.48 -26.03
CA GLN B 125 18.84 2.67 -24.74
C GLN B 125 18.72 4.12 -24.30
N VAL B 126 18.79 4.35 -23.00
CA VAL B 126 18.87 5.73 -22.52
C VAL B 126 20.24 5.96 -21.91
N GLU B 127 20.60 7.23 -21.72
CA GLU B 127 21.86 7.57 -21.06
C GLU B 127 21.82 7.20 -19.58
N GLU B 128 22.98 6.92 -18.99
CA GLU B 128 23.04 6.52 -17.60
C GLU B 128 22.47 7.55 -16.65
N TYR B 129 22.68 8.84 -16.94
CA TYR B 129 22.16 9.87 -16.05
C TYR B 129 20.63 9.85 -15.97
N VAL B 130 19.99 9.40 -17.05
CA VAL B 130 18.52 9.35 -17.08
C VAL B 130 18.05 8.35 -16.04
N ILE B 131 18.65 7.18 -16.03
CA ILE B 131 18.25 6.13 -15.09
C ILE B 131 18.59 6.49 -13.65
N ARG B 132 19.71 7.17 -13.46
CA ARG B 132 20.06 7.66 -12.13
C ARG B 132 18.98 8.61 -11.63
N LYS B 133 18.57 9.53 -12.49
CA LYS B 133 17.51 10.46 -12.12
C LYS B 133 16.14 9.77 -11.93
N HIS B 134 15.76 8.88 -12.85
CA HIS B 134 14.47 8.17 -12.70
C HIS B 134 14.40 7.42 -11.37
N THR B 135 15.49 6.78 -10.99
CA THR B 135 15.53 5.99 -9.76
C THR B 135 15.38 6.86 -8.52
N GLN B 136 16.07 8.01 -8.50
CA GLN B 136 15.90 8.97 -7.40
C GLN B 136 14.47 9.44 -7.29
N GLN B 137 13.86 9.75 -8.43
CA GLN B 137 12.50 10.24 -8.47
C GLN B 137 11.51 9.18 -8.03
N MET B 138 11.73 7.96 -8.47
CA MET B 138 10.89 6.83 -8.06
C MET B 138 10.95 6.71 -6.54
N LYS B 139 12.15 6.72 -5.99
CA LYS B 139 12.30 6.55 -4.55
C LYS B 139 11.62 7.66 -3.74
N LYS B 140 11.73 8.88 -4.21
CA LYS B 140 11.12 10.01 -3.51
C LYS B 140 9.60 10.00 -3.62
N SER B 141 9.06 9.23 -4.58
CA SER B 141 7.63 9.21 -4.85
C SER B 141 6.84 8.26 -3.95
N ILE B 142 7.50 7.21 -3.47
CA ILE B 142 6.84 6.12 -2.76
C ILE B 142 5.96 6.57 -1.60
N LYS B 143 6.50 7.41 -0.71
CA LYS B 143 5.80 7.76 0.52
C LYS B 143 4.45 8.46 0.31
N GLY B 144 4.38 9.31 -0.71
CA GLY B 144 3.23 10.16 -0.88
C GLY B 144 2.17 9.65 -1.82
N LEU B 145 2.34 8.44 -2.35
CA LEU B 145 1.40 7.92 -3.36
C LEU B 145 -0.04 7.76 -2.85
N GLN B 146 -0.20 7.23 -1.65
CA GLN B 146 -1.56 7.10 -1.10
C GLN B 146 -2.21 8.48 -0.99
N ARG B 147 -1.43 9.47 -0.54
CA ARG B 147 -1.95 10.81 -0.34
C ARG B 147 -2.32 11.49 -1.68
N GLU B 148 -1.61 11.12 -2.74
CA GLU B 148 -1.92 11.64 -4.08
C GLU B 148 -3.27 11.16 -4.59
N GLY B 149 -3.74 10.03 -4.06
CA GLY B 149 -5.04 9.51 -4.45
C GLY B 149 -5.02 8.06 -4.91
N PHE B 150 -3.86 7.44 -4.91
CA PHE B 150 -3.79 6.02 -5.22
C PHE B 150 -4.42 5.17 -4.11
N ARG B 151 -5.52 4.50 -4.46
CA ARG B 151 -6.34 3.76 -3.51
C ARG B 151 -5.71 2.45 -3.10
N TYR B 152 -4.95 1.84 -4.00
CA TYR B 152 -4.09 0.71 -3.66
C TYR B 152 -2.68 1.08 -4.10
N VAL B 153 -1.72 0.87 -3.20
CA VAL B 153 -0.33 1.13 -3.51
C VAL B 153 0.48 -0.14 -3.28
N TYR B 154 1.03 -0.68 -4.36
CA TYR B 154 1.82 -1.89 -4.31
C TYR B 154 3.27 -1.61 -4.66
N ILE B 155 4.17 -1.88 -3.72
CA ILE B 155 5.60 -1.69 -3.98
C ILE B 155 6.29 -3.04 -4.17
N LEU B 156 7.02 -3.17 -5.27
CA LEU B 156 7.78 -4.38 -5.59
C LEU B 156 9.27 -4.09 -5.36
N ASN B 157 9.88 -4.81 -4.42
CA ASN B 157 11.18 -4.41 -3.89
C ASN B 157 12.38 -5.18 -4.41
N SER B 158 12.15 -6.09 -5.34
CA SER B 158 13.23 -6.85 -5.96
C SER B 158 12.73 -7.52 -7.24
N PRO B 159 13.66 -7.97 -8.09
CA PRO B 159 13.24 -8.74 -9.27
C PRO B 159 12.48 -10.00 -8.88
N GLU B 160 12.84 -10.60 -7.76
CA GLU B 160 12.14 -11.79 -7.28
C GLU B 160 10.68 -11.48 -6.96
N GLU B 161 10.43 -10.33 -6.33
CA GLU B 161 9.06 -9.94 -6.00
C GLU B 161 8.25 -9.61 -7.25
N VAL B 162 8.86 -8.88 -8.18
CA VAL B 162 8.21 -8.57 -9.45
C VAL B 162 7.75 -9.85 -10.14
N GLU B 163 8.65 -10.83 -10.20
CA GLU B 163 8.37 -12.11 -10.86
C GLU B 163 7.24 -12.91 -10.22
N GLU B 164 7.07 -12.77 -8.91
CA GLU B 164 6.07 -13.55 -8.16
C GLU B 164 4.68 -12.96 -8.22
N VAL B 165 4.55 -11.77 -8.78
CA VAL B 165 3.27 -11.06 -8.80
C VAL B 165 2.20 -11.85 -9.54
N VAL B 166 1.02 -11.93 -8.94
CA VAL B 166 -0.18 -12.37 -9.62
C VAL B 166 -1.27 -11.36 -9.30
N PHE B 167 -1.99 -10.89 -10.33
CA PHE B 167 -3.10 -9.97 -10.10
C PHE B 167 -4.38 -10.75 -9.85
N GLU B 168 -5.15 -10.29 -8.87
CA GLU B 168 -6.47 -10.83 -8.62
C GLU B 168 -7.48 -9.75 -8.98
N ARG B 169 -8.14 -9.90 -10.13
CA ARG B 169 -9.13 -8.92 -10.56
C ARG B 169 -10.47 -9.25 -9.93
N GLN B 170 -10.96 -8.36 -9.08
CA GLN B 170 -12.21 -8.60 -8.37
C GLN B 170 -13.41 -8.00 -9.12
N PRO B 171 -14.41 -8.85 -9.45
CA PRO B 171 -15.64 -8.40 -10.10
C PRO B 171 -16.46 -7.51 -9.18
PB GDP E . -2.92 4.15 21.88
O1B GDP E . -3.97 3.09 22.06
O2B GDP E . -2.12 3.90 20.64
O3B GDP E . -2.01 4.20 23.07
O3A GDP E . -3.56 5.62 21.76
PA GDP E . -4.92 6.09 22.46
O1A GDP E . -5.15 5.41 23.80
O2A GDP E . -6.08 5.95 21.50
O5' GDP E . -4.61 7.65 22.69
C5' GDP E . -3.67 8.06 23.69
C4' GDP E . -3.89 9.53 23.96
O4' GDP E . -3.81 10.26 22.73
C3' GDP E . -5.27 9.77 24.54
O3' GDP E . -5.20 10.79 25.53
C2' GDP E . -6.08 10.26 23.36
O2' GDP E . -7.20 11.07 23.77
C1' GDP E . -5.03 10.98 22.53
N9 GDP E . -5.42 10.90 21.10
C8 GDP E . -5.80 9.78 20.46
N7 GDP E . -6.09 10.05 19.15
C5 GDP E . -5.87 11.36 18.96
C6 GDP E . -5.99 12.29 17.81
O6 GDP E . -6.37 11.86 16.71
N1 GDP E . -5.68 13.58 18.00
C2 GDP E . -5.27 14.03 19.21
N2 GDP E . -4.98 15.34 19.36
N3 GDP E . -5.15 13.24 20.31
C4 GDP E . -5.43 11.92 20.24
MG MG F . -4.56 1.50 23.14
PB GDP G . 11.04 -0.58 -19.26
O1B GDP G . 9.76 -0.45 -20.05
O2B GDP G . 10.82 -0.13 -17.83
O3B GDP G . 12.15 0.22 -19.87
O3A GDP G . 11.52 -2.11 -19.18
PA GDP G . 11.45 -3.20 -20.34
O1A GDP G . 11.53 -2.63 -21.73
O2A GDP G . 10.24 -4.09 -20.15
O5' GDP G . 12.76 -4.05 -20.00
C5' GDP G . 14.05 -3.50 -20.29
C4' GDP G . 15.04 -4.63 -20.53
O4' GDP G . 15.10 -5.43 -19.35
C3' GDP G . 14.55 -5.51 -21.66
O3' GDP G . 15.65 -5.85 -22.49
C2' GDP G . 14.00 -6.73 -20.97
O2' GDP G . 14.17 -7.91 -21.78
C1' GDP G . 14.75 -6.78 -19.64
N9 GDP G . 13.82 -7.28 -18.60
C8 GDP G . 12.58 -6.82 -18.39
N7 GDP G . 11.98 -7.48 -17.37
C5 GDP G . 12.87 -8.38 -16.90
C6 GDP G . 12.87 -9.38 -15.82
O6 GDP G . 11.85 -9.54 -15.11
N1 GDP G . 13.98 -10.12 -15.66
C2 GDP G . 15.07 -9.96 -16.43
N2 GDP G . 16.16 -10.73 -16.21
N3 GDP G . 15.14 -9.05 -17.45
C4 GDP G . 14.08 -8.24 -17.72
MG MG H . 8.86 0.51 -21.66
#